data_1V8D
#
_entry.id   1V8D
#
_cell.length_a   102.799
_cell.length_b   115.224
_cell.length_c   75.270
_cell.angle_alpha   90.00
_cell.angle_beta   129.76
_cell.angle_gamma   90.00
#
_symmetry.space_group_name_H-M   'C 1 2 1'
#
loop_
_entity.id
_entity.type
_entity.pdbx_description
1 polymer 'hypothetical protein (TT1679)'
2 non-polymer 'ZINC ION'
3 water water
#
_entity_poly.entity_id   1
_entity_poly.type   'polypeptide(L)'
_entity_poly.pdbx_seq_one_letter_code
;MRRGSGNPERPSLSRDGLRVPPPCPGKRGPGHFSGYHGGMEGIRRAAQRAAEEFLQAFPMAPGSLFVLGGSTSEVLGERV
GTRPSLEAAHAVLEGLLPPLLERGVHVAVQACEHLNRALVVERETARAFGKEEVAVFPHPKAGGAKATAAFLRFRDPVMV
ESLKAQAHGGMDIGGVLIGMHLRPVAVPLRLSVRKIGEAVLLAAKTRPKLVGGARAVYTREEMLKKLEEFLPKPP
;
_entity_poly.pdbx_strand_id   A,B,C
#
# COMPACT_ATOMS: atom_id res chain seq x y z
N MET A 40 -9.44 -33.44 -26.22
CA MET A 40 -9.18 -32.52 -25.04
C MET A 40 -7.75 -32.67 -24.52
N GLU A 41 -7.27 -33.92 -24.40
CA GLU A 41 -5.90 -34.15 -23.90
C GLU A 41 -4.89 -33.35 -24.75
N GLY A 42 -5.21 -33.13 -26.02
CA GLY A 42 -4.35 -32.33 -26.89
C GLY A 42 -4.28 -30.89 -26.36
N ILE A 43 -5.42 -30.38 -25.85
CA ILE A 43 -5.45 -29.05 -25.28
C ILE A 43 -4.69 -29.01 -23.98
N ARG A 44 -4.84 -29.96 -23.09
CA ARG A 44 -4.06 -29.90 -21.87
C ARG A 44 -2.55 -30.06 -22.15
N ARG A 45 -2.20 -30.90 -23.12
CA ARG A 45 -0.79 -31.05 -23.42
C ARG A 45 -0.17 -29.72 -23.95
N ALA A 46 -0.84 -29.06 -24.90
CA ALA A 46 -0.35 -27.77 -25.39
C ALA A 46 -0.27 -26.75 -24.20
N ALA A 47 -1.19 -26.84 -23.25
CA ALA A 47 -1.16 -25.94 -22.08
C ALA A 47 0.04 -26.26 -21.24
N GLN A 48 0.32 -27.56 -21.02
CA GLN A 48 1.48 -27.97 -20.22
C GLN A 48 2.79 -27.55 -20.86
N ARG A 49 2.91 -27.64 -22.18
CA ARG A 49 4.16 -27.26 -22.84
C ARG A 49 4.39 -25.75 -22.72
N ALA A 50 3.32 -25.01 -22.84
CA ALA A 50 3.28 -23.55 -22.77
C ALA A 50 3.81 -23.07 -21.40
N ALA A 51 3.29 -23.67 -20.35
CA ALA A 51 3.65 -23.43 -19.03
C ALA A 51 5.12 -23.70 -18.79
N GLU A 52 5.58 -24.92 -19.07
CA GLU A 52 6.98 -25.32 -18.82
C GLU A 52 7.90 -24.38 -19.58
N GLU A 53 7.62 -24.15 -20.83
CA GLU A 53 8.45 -23.27 -21.58
C GLU A 53 8.48 -21.82 -20.99
N PHE A 54 7.30 -21.31 -20.67
CA PHE A 54 7.12 -19.96 -20.04
C PHE A 54 7.97 -19.88 -18.79
N LEU A 55 7.82 -20.81 -17.88
CA LEU A 55 8.55 -20.74 -16.66
C LEU A 55 10.07 -20.99 -16.88
N GLN A 56 10.43 -21.41 -18.07
CA GLN A 56 11.80 -21.64 -18.31
C GLN A 56 12.36 -20.34 -18.74
N ALA A 57 11.66 -19.65 -19.60
CA ALA A 57 12.10 -18.37 -20.07
C ALA A 57 11.94 -17.34 -18.96
N PHE A 58 10.94 -17.50 -18.08
CA PHE A 58 10.65 -16.53 -16.99
C PHE A 58 10.39 -17.30 -15.73
N PRO A 59 11.45 -17.69 -15.02
CA PRO A 59 11.38 -18.48 -13.77
C PRO A 59 10.71 -17.73 -12.64
N MET A 60 9.37 -17.59 -12.67
CA MET A 60 8.70 -16.78 -11.63
C MET A 60 8.97 -17.23 -10.19
N ALA A 61 9.25 -16.24 -9.30
CA ALA A 61 9.55 -16.51 -7.87
C ALA A 61 8.30 -16.74 -7.02
N PRO A 62 8.45 -17.36 -5.85
CA PRO A 62 7.28 -17.60 -5.00
C PRO A 62 6.65 -16.17 -4.68
N GLY A 63 5.33 -16.00 -4.50
CA GLY A 63 4.78 -14.66 -4.19
C GLY A 63 4.54 -13.77 -5.39
N SER A 64 5.04 -14.18 -6.56
CA SER A 64 4.80 -13.41 -7.75
C SER A 64 3.34 -13.69 -8.19
N LEU A 65 2.84 -12.96 -9.19
CA LEU A 65 1.43 -13.10 -9.59
C LEU A 65 1.27 -13.29 -11.07
N PHE A 66 0.53 -14.31 -11.43
CA PHE A 66 0.35 -14.62 -12.88
C PHE A 66 -1.13 -14.50 -13.23
N VAL A 67 -1.39 -13.92 -14.37
CA VAL A 67 -2.76 -13.69 -14.80
C VAL A 67 -3.13 -14.51 -16.06
N LEU A 68 -4.23 -15.24 -15.93
CA LEU A 68 -4.70 -16.03 -17.05
C LEU A 68 -6.00 -15.44 -17.66
N GLY A 69 -5.99 -15.22 -18.96
CA GLY A 69 -7.20 -14.81 -19.59
C GLY A 69 -7.41 -15.71 -20.83
N GLY A 70 -8.68 -16.03 -21.17
CA GLY A 70 -8.96 -16.85 -22.36
C GLY A 70 -10.42 -17.11 -22.74
N SER A 71 -10.61 -17.54 -23.96
CA SER A 71 -11.98 -17.87 -24.38
C SER A 71 -11.95 -19.40 -24.75
N THR A 72 -12.66 -20.24 -24.02
CA THR A 72 -12.74 -21.68 -24.32
C THR A 72 -13.43 -21.88 -25.64
N SER A 73 -14.35 -20.99 -25.99
CA SER A 73 -15.02 -21.12 -27.26
C SER A 73 -14.01 -20.98 -28.42
N GLU A 74 -13.00 -20.11 -28.24
CA GLU A 74 -11.93 -19.86 -29.24
C GLU A 74 -10.98 -21.07 -29.37
N VAL A 75 -10.83 -21.78 -28.24
CA VAL A 75 -9.98 -22.94 -28.16
C VAL A 75 -10.68 -24.03 -28.97
N LEU A 76 -12.00 -24.14 -28.79
CA LEU A 76 -12.83 -25.05 -29.54
C LEU A 76 -12.91 -24.70 -31.04
N GLY A 77 -12.82 -23.40 -31.38
CA GLY A 77 -12.88 -22.97 -32.77
C GLY A 77 -14.26 -22.48 -33.24
N THR A 82 -19.67 -18.44 -30.60
CA THR A 82 -20.11 -19.79 -30.28
C THR A 82 -20.21 -19.90 -28.76
N ARG A 83 -20.43 -21.10 -28.19
CA ARG A 83 -20.54 -21.22 -26.74
C ARG A 83 -19.32 -21.84 -26.02
N PRO A 84 -19.19 -21.53 -24.74
CA PRO A 84 -18.06 -22.03 -23.93
C PRO A 84 -18.12 -23.48 -23.51
N SER A 85 -16.98 -23.99 -23.08
CA SER A 85 -16.86 -25.36 -22.65
C SER A 85 -16.08 -25.57 -21.35
N LEU A 86 -16.75 -26.04 -20.29
CA LEU A 86 -16.09 -26.33 -19.02
C LEU A 86 -14.99 -27.43 -19.15
N GLU A 87 -15.18 -28.36 -20.14
CA GLU A 87 -14.25 -29.42 -20.38
C GLU A 87 -12.96 -28.79 -20.90
N ALA A 88 -13.06 -27.90 -21.88
CA ALA A 88 -11.89 -27.24 -22.42
C ALA A 88 -11.23 -26.37 -21.31
N ALA A 89 -12.03 -25.81 -20.44
CA ALA A 89 -11.48 -25.02 -19.35
C ALA A 89 -10.67 -25.92 -18.51
N HIS A 90 -11.25 -27.08 -18.18
CA HIS A 90 -10.63 -28.03 -17.31
C HIS A 90 -9.27 -28.46 -17.84
N ALA A 91 -9.23 -28.66 -19.12
CA ALA A 91 -8.00 -29.09 -19.74
C ALA A 91 -6.94 -27.95 -19.66
N VAL A 92 -7.36 -26.73 -19.93
CA VAL A 92 -6.43 -25.59 -19.88
C VAL A 92 -5.85 -25.42 -18.42
N LEU A 93 -6.71 -25.40 -17.39
CA LEU A 93 -6.27 -25.22 -16.04
C LEU A 93 -5.41 -26.36 -15.56
N GLU A 94 -5.75 -27.61 -15.93
CA GLU A 94 -4.93 -28.74 -15.48
C GLU A 94 -3.52 -28.61 -16.08
N GLY A 95 -3.39 -28.09 -17.29
CA GLY A 95 -2.08 -27.91 -17.92
C GLY A 95 -1.27 -26.72 -17.36
N LEU A 96 -1.95 -25.58 -17.12
CA LEU A 96 -1.26 -24.38 -16.63
C LEU A 96 -1.10 -24.21 -15.17
N LEU A 97 -2.08 -24.61 -14.37
CA LEU A 97 -1.89 -24.37 -12.94
C LEU A 97 -0.95 -25.18 -12.07
N PRO A 98 -0.83 -26.53 -12.25
CA PRO A 98 0.11 -27.17 -11.32
C PRO A 98 1.56 -26.63 -11.26
N PRO A 99 2.16 -26.34 -12.38
CA PRO A 99 3.51 -25.81 -12.38
C PRO A 99 3.65 -24.40 -11.71
N LEU A 100 2.59 -23.55 -11.76
CA LEU A 100 2.62 -22.21 -11.17
C LEU A 100 2.43 -22.36 -9.69
N LEU A 101 1.45 -23.15 -9.31
CA LEU A 101 1.21 -23.29 -7.90
C LEU A 101 2.34 -23.96 -7.13
N GLU A 102 3.06 -24.90 -7.78
CA GLU A 102 4.15 -25.57 -7.11
C GLU A 102 5.30 -24.64 -6.90
N ARG A 103 5.32 -23.52 -7.61
CA ARG A 103 6.38 -22.54 -7.46
C ARG A 103 5.91 -21.44 -6.51
N GLY A 104 4.76 -21.60 -5.88
CA GLY A 104 4.22 -20.57 -5.01
C GLY A 104 3.85 -19.28 -5.75
N VAL A 105 3.48 -19.36 -7.01
CA VAL A 105 3.03 -18.23 -7.75
C VAL A 105 1.50 -18.10 -7.49
N HIS A 106 0.99 -16.86 -7.29
CA HIS A 106 -0.48 -16.59 -7.08
C HIS A 106 -1.10 -16.57 -8.48
N VAL A 107 -2.25 -17.23 -8.67
CA VAL A 107 -2.87 -17.22 -10.02
C VAL A 107 -4.22 -16.44 -10.03
N ALA A 108 -4.43 -15.58 -11.00
CA ALA A 108 -5.72 -14.86 -11.15
C ALA A 108 -6.29 -15.28 -12.51
N VAL A 109 -7.60 -15.51 -12.53
CA VAL A 109 -8.23 -15.85 -13.76
C VAL A 109 -9.31 -14.80 -14.10
N GLN A 110 -9.04 -14.10 -15.17
CA GLN A 110 -9.92 -13.06 -15.68
C GLN A 110 -11.29 -13.57 -16.29
N ALA A 111 -12.46 -13.05 -15.79
CA ALA A 111 -13.75 -13.32 -16.39
C ALA A 111 -13.87 -12.41 -17.59
N CYS A 112 -14.86 -12.65 -18.45
CA CYS A 112 -15.05 -11.86 -19.67
C CYS A 112 -15.61 -10.45 -19.39
N GLU A 113 -15.75 -9.64 -20.42
CA GLU A 113 -16.25 -8.28 -20.20
C GLU A 113 -17.68 -8.14 -19.63
N HIS A 114 -18.51 -9.20 -19.60
CA HIS A 114 -19.87 -9.06 -19.07
C HIS A 114 -19.72 -8.87 -17.59
N LEU A 115 -18.61 -9.35 -17.02
CA LEU A 115 -18.40 -9.16 -15.57
C LEU A 115 -17.34 -8.08 -15.42
N ASN A 116 -17.17 -7.21 -16.42
CA ASN A 116 -16.13 -6.10 -16.38
C ASN A 116 -14.70 -6.58 -16.22
N ARG A 117 -14.45 -7.82 -16.63
CA ARG A 117 -13.11 -8.46 -16.49
C ARG A 117 -12.69 -8.59 -15.02
N ALA A 118 -13.65 -8.74 -14.08
CA ALA A 118 -13.27 -8.99 -12.70
C ALA A 118 -12.49 -10.36 -12.76
N LEU A 119 -11.74 -10.66 -11.72
CA LEU A 119 -10.93 -11.81 -11.77
C LEU A 119 -11.18 -12.70 -10.59
N VAL A 120 -11.08 -14.01 -10.83
CA VAL A 120 -11.13 -15.01 -9.73
C VAL A 120 -9.73 -15.12 -9.15
N VAL A 121 -9.62 -15.06 -7.82
CA VAL A 121 -8.35 -15.21 -7.17
C VAL A 121 -8.71 -15.87 -5.81
N GLU A 122 -7.73 -16.55 -5.23
CA GLU A 122 -7.88 -17.10 -3.92
C GLU A 122 -8.02 -15.89 -3.00
N ARG A 123 -8.69 -16.07 -1.88
CA ARG A 123 -8.87 -14.95 -0.93
C ARG A 123 -7.49 -14.51 -0.43
N GLU A 124 -6.61 -15.48 -0.24
CA GLU A 124 -5.31 -15.12 0.27
C GLU A 124 -4.56 -14.21 -0.69
N THR A 125 -4.75 -14.42 -1.98
CA THR A 125 -4.12 -13.59 -2.99
C THR A 125 -4.71 -12.17 -2.98
N ALA A 126 -6.04 -12.00 -2.77
CA ALA A 126 -6.70 -10.71 -2.80
C ALA A 126 -6.11 -9.91 -1.65
N ARG A 127 -5.97 -10.60 -0.54
CA ARG A 127 -5.43 -10.00 0.64
C ARG A 127 -3.93 -9.60 0.50
N ALA A 128 -3.08 -10.51 0.03
CA ALA A 128 -1.64 -10.26 -0.17
C ALA A 128 -1.38 -9.13 -1.13
N PHE A 129 -2.23 -8.96 -2.14
CA PHE A 129 -2.02 -7.91 -3.12
C PHE A 129 -2.96 -6.66 -2.97
N GLY A 130 -3.64 -6.60 -1.83
CA GLY A 130 -4.55 -5.47 -1.49
C GLY A 130 -5.55 -5.25 -2.58
N LYS A 131 -6.18 -6.36 -3.00
CA LYS A 131 -7.16 -6.26 -4.08
C LYS A 131 -8.56 -5.93 -3.51
N GLU A 132 -9.44 -5.31 -4.31
CA GLU A 132 -10.83 -4.98 -3.88
C GLU A 132 -11.85 -6.07 -4.33
N GLU A 133 -12.44 -6.78 -3.39
CA GLU A 133 -13.46 -7.75 -3.69
C GLU A 133 -14.74 -7.10 -4.23
N VAL A 134 -15.27 -7.71 -5.29
CA VAL A 134 -16.49 -7.34 -5.91
C VAL A 134 -17.49 -8.48 -5.70
N ALA A 135 -18.79 -8.17 -5.74
CA ALA A 135 -19.83 -9.15 -5.48
C ALA A 135 -20.50 -9.66 -6.75
N VAL A 136 -20.21 -10.94 -7.07
CA VAL A 136 -20.76 -11.62 -8.24
C VAL A 136 -20.25 -13.11 -8.28
N PHE A 137 -20.96 -13.96 -9.04
CA PHE A 137 -20.65 -15.38 -9.16
C PHE A 137 -20.63 -15.62 -10.65
N PRO A 138 -19.47 -16.08 -11.17
CA PRO A 138 -19.42 -16.30 -12.62
C PRO A 138 -20.15 -17.62 -12.97
N HIS A 139 -20.62 -17.70 -14.22
CA HIS A 139 -21.18 -18.95 -14.71
C HIS A 139 -20.77 -18.80 -16.16
N PRO A 140 -20.77 -19.88 -16.96
CA PRO A 140 -20.31 -19.80 -18.35
C PRO A 140 -20.87 -18.75 -19.24
N LYS A 141 -22.19 -18.62 -19.21
CA LYS A 141 -22.90 -17.63 -20.05
C LYS A 141 -22.62 -16.18 -19.58
N ALA A 142 -22.15 -16.01 -18.35
CA ALA A 142 -21.86 -14.66 -17.83
C ALA A 142 -20.51 -14.72 -17.03
N GLY A 143 -19.40 -14.56 -17.74
CA GLY A 143 -18.12 -14.66 -17.04
C GLY A 143 -17.12 -15.53 -17.81
N GLY A 144 -17.67 -16.55 -18.50
CA GLY A 144 -16.86 -17.48 -19.28
C GLY A 144 -16.62 -18.79 -18.56
N ALA A 145 -16.24 -19.84 -19.29
CA ALA A 145 -16.03 -21.16 -18.66
C ALA A 145 -14.75 -21.28 -17.84
N LYS A 146 -13.73 -20.55 -18.27
CA LYS A 146 -12.44 -20.55 -17.63
C LYS A 146 -12.49 -19.99 -16.20
N ALA A 147 -13.15 -18.83 -16.05
CA ALA A 147 -13.28 -18.16 -14.75
C ALA A 147 -14.19 -19.02 -13.87
N THR A 148 -15.27 -19.49 -14.46
CA THR A 148 -16.18 -20.36 -13.69
C THR A 148 -15.46 -21.62 -13.19
N ALA A 149 -14.63 -22.23 -14.03
CA ALA A 149 -13.90 -23.44 -13.61
C ALA A 149 -12.88 -23.05 -12.51
N ALA A 150 -12.30 -21.85 -12.61
CA ALA A 150 -11.37 -21.47 -11.58
C ALA A 150 -12.06 -21.31 -10.24
N PHE A 151 -13.25 -20.70 -10.31
CA PHE A 151 -14.02 -20.42 -9.12
C PHE A 151 -14.41 -21.72 -8.45
N LEU A 152 -14.90 -22.67 -9.27
CA LEU A 152 -15.25 -24.04 -8.82
C LEU A 152 -14.02 -24.74 -8.23
N ARG A 153 -12.82 -24.57 -8.83
CA ARG A 153 -11.68 -25.25 -8.27
C ARG A 153 -10.88 -24.62 -7.14
N PHE A 154 -10.81 -23.26 -7.07
CA PHE A 154 -10.05 -22.65 -6.02
C PHE A 154 -10.60 -23.08 -4.70
N ARG A 155 -9.80 -22.93 -3.66
CA ARG A 155 -10.20 -23.32 -2.30
C ARG A 155 -11.16 -22.35 -1.60
N ASP A 156 -10.85 -21.05 -1.69
CA ASP A 156 -11.70 -20.01 -1.12
C ASP A 156 -11.68 -18.89 -2.16
N PRO A 157 -12.38 -19.06 -3.29
CA PRO A 157 -12.34 -17.98 -4.28
C PRO A 157 -13.16 -16.67 -3.94
N VAL A 158 -12.74 -15.57 -4.55
CA VAL A 158 -13.41 -14.30 -4.46
C VAL A 158 -13.20 -13.66 -5.79
N MET A 159 -14.12 -12.78 -6.18
CA MET A 159 -13.92 -12.03 -7.40
C MET A 159 -13.36 -10.66 -6.91
N VAL A 160 -12.46 -10.10 -7.71
CA VAL A 160 -11.83 -8.85 -7.42
C VAL A 160 -11.98 -8.03 -8.64
N GLU A 161 -11.99 -6.73 -8.45
CA GLU A 161 -12.18 -5.76 -9.55
C GLU A 161 -11.10 -5.69 -10.62
N SER A 162 -9.88 -5.83 -10.16
CA SER A 162 -8.75 -5.83 -11.08
C SER A 162 -7.56 -6.34 -10.22
N LEU A 163 -6.35 -6.30 -10.78
CA LEU A 163 -5.19 -6.75 -10.00
C LEU A 163 -4.41 -5.47 -9.70
N LYS A 164 -5.01 -4.32 -10.03
CA LYS A 164 -4.31 -3.07 -9.93
C LYS A 164 -2.99 -3.16 -10.75
N ALA A 165 -3.02 -3.84 -11.90
CA ALA A 165 -1.86 -3.96 -12.80
C ALA A 165 -0.65 -4.44 -12.05
N GLN A 166 -0.85 -5.34 -11.08
CA GLN A 166 0.31 -5.87 -10.32
C GLN A 166 0.87 -7.25 -10.88
N ALA A 167 0.22 -7.85 -11.87
CA ALA A 167 0.73 -9.16 -12.32
C ALA A 167 2.14 -9.11 -12.93
N HIS A 168 2.96 -10.14 -12.66
CA HIS A 168 4.30 -10.18 -13.23
C HIS A 168 4.35 -10.91 -14.55
N GLY A 169 3.30 -11.64 -14.88
CA GLY A 169 3.25 -12.29 -16.19
C GLY A 169 1.91 -12.96 -16.41
N GLY A 170 1.62 -13.45 -17.62
CA GLY A 170 0.38 -14.15 -17.83
C GLY A 170 0.26 -14.62 -19.26
N MET A 171 -0.91 -15.17 -19.52
CA MET A 171 -1.25 -15.69 -20.86
C MET A 171 -2.62 -15.26 -21.21
N ASP A 172 -2.78 -14.97 -22.48
CA ASP A 172 -4.02 -14.57 -23.06
C ASP A 172 -4.26 -15.68 -24.12
N ILE A 173 -5.34 -16.44 -23.92
CA ILE A 173 -5.68 -17.49 -24.86
C ILE A 173 -6.87 -17.07 -25.75
N GLY A 174 -6.60 -16.78 -27.02
CA GLY A 174 -7.71 -16.46 -27.88
C GLY A 174 -7.96 -14.99 -28.17
N GLY A 175 -7.03 -14.11 -27.79
CA GLY A 175 -7.23 -12.68 -28.03
C GLY A 175 -8.31 -11.99 -27.14
N VAL A 176 -8.36 -12.28 -25.83
CA VAL A 176 -9.33 -11.63 -24.97
C VAL A 176 -8.69 -10.37 -24.30
N LEU A 177 -7.35 -10.26 -24.42
CA LEU A 177 -6.50 -9.22 -23.81
C LEU A 177 -6.25 -9.39 -22.31
N ILE A 178 -5.01 -9.24 -21.88
CA ILE A 178 -4.72 -9.30 -20.47
C ILE A 178 -3.74 -8.12 -20.11
N GLY A 179 -3.41 -7.27 -21.08
CA GLY A 179 -2.41 -6.27 -20.81
C GLY A 179 -2.74 -5.30 -19.69
N MET A 180 -4.02 -5.08 -19.40
CA MET A 180 -4.42 -4.17 -18.32
C MET A 180 -3.99 -4.67 -16.99
N HIS A 181 -3.69 -5.98 -16.84
CA HIS A 181 -3.31 -6.56 -15.57
C HIS A 181 -1.79 -6.69 -15.28
N LEU A 182 -1.01 -6.32 -16.25
CA LEU A 182 0.41 -6.47 -16.13
C LEU A 182 1.11 -5.18 -15.69
N ARG A 183 2.07 -5.29 -14.77
CA ARG A 183 2.88 -4.15 -14.37
C ARG A 183 3.91 -3.83 -15.51
N PRO A 184 4.30 -2.54 -15.63
CA PRO A 184 5.29 -2.09 -16.62
C PRO A 184 6.58 -2.90 -16.28
N VAL A 185 7.34 -3.37 -17.26
CA VAL A 185 7.06 -3.25 -18.72
C VAL A 185 6.72 -4.70 -19.19
N ALA A 186 5.56 -4.89 -19.83
CA ALA A 186 5.15 -6.21 -20.31
C ALA A 186 6.05 -6.56 -21.54
N VAL A 187 6.49 -7.80 -21.58
CA VAL A 187 7.37 -8.28 -22.68
C VAL A 187 6.74 -9.61 -23.15
N PRO A 188 6.28 -9.61 -24.40
CA PRO A 188 5.65 -10.79 -24.99
C PRO A 188 6.75 -11.82 -25.14
N LEU A 189 6.43 -13.07 -24.84
CA LEU A 189 7.40 -14.15 -24.99
C LEU A 189 7.01 -15.00 -26.18
N ARG A 190 7.96 -15.34 -27.01
CA ARG A 190 7.55 -16.24 -28.06
C ARG A 190 7.82 -17.69 -27.60
N LEU A 191 6.76 -18.42 -27.36
CA LEU A 191 6.90 -19.81 -26.97
C LEU A 191 6.83 -20.58 -28.30
N SER A 192 7.23 -21.87 -28.30
CA SER A 192 7.19 -22.81 -29.47
C SER A 192 5.70 -23.15 -29.70
N VAL A 193 4.94 -23.17 -28.59
CA VAL A 193 3.49 -23.39 -28.55
C VAL A 193 2.84 -22.06 -28.95
N ARG A 194 2.19 -22.08 -30.10
CA ARG A 194 1.55 -20.90 -30.65
C ARG A 194 0.06 -20.93 -30.47
N LYS A 195 -0.50 -22.11 -30.28
CA LYS A 195 -1.93 -22.12 -30.11
C LYS A 195 -2.29 -23.06 -29.06
N ILE A 196 -3.52 -22.95 -28.55
CA ILE A 196 -4.00 -23.92 -27.58
C ILE A 196 -5.31 -24.29 -28.23
N GLY A 197 -5.39 -25.52 -28.77
CA GLY A 197 -6.59 -25.88 -29.53
C GLY A 197 -6.49 -24.94 -30.75
N GLU A 198 -7.59 -24.30 -31.11
CA GLU A 198 -7.68 -23.30 -32.21
C GLU A 198 -7.40 -21.87 -31.77
N ALA A 199 -7.29 -21.64 -30.48
CA ALA A 199 -7.01 -20.26 -29.97
C ALA A 199 -5.53 -19.80 -30.06
N VAL A 200 -5.28 -18.62 -30.62
CA VAL A 200 -3.90 -18.13 -30.63
C VAL A 200 -3.47 -17.93 -29.13
N LEU A 201 -2.22 -18.21 -28.83
CA LEU A 201 -1.66 -18.07 -27.49
C LEU A 201 -0.66 -16.92 -27.46
N LEU A 202 -0.89 -16.00 -26.52
CA LEU A 202 0.01 -14.88 -26.30
C LEU A 202 0.46 -14.94 -24.84
N ALA A 203 1.76 -15.03 -24.63
CA ALA A 203 2.34 -15.12 -23.30
C ALA A 203 3.25 -13.91 -23.06
N ALA A 204 3.18 -13.38 -21.83
CA ALA A 204 4.03 -12.22 -21.52
C ALA A 204 4.60 -12.25 -20.14
N LYS A 205 5.83 -11.80 -20.07
CA LYS A 205 6.43 -11.66 -18.77
C LYS A 205 6.49 -10.11 -18.57
N THR A 206 7.10 -9.69 -17.47
CA THR A 206 7.36 -8.26 -17.28
C THR A 206 8.82 -8.10 -16.80
N ARG A 207 9.34 -6.88 -16.98
CA ARG A 207 10.68 -6.48 -16.51
C ARG A 207 10.73 -4.97 -16.21
N PRO A 208 11.74 -4.59 -15.43
CA PRO A 208 11.91 -3.16 -15.08
C PRO A 208 12.08 -2.21 -16.24
N LYS A 209 11.59 -0.99 -16.03
CA LYS A 209 11.73 0.06 -17.01
C LYS A 209 13.22 0.33 -17.15
N LEU A 210 13.66 0.50 -18.39
CA LEU A 210 15.06 0.82 -18.70
C LEU A 210 15.21 2.30 -18.64
N VAL A 211 16.06 2.80 -17.75
CA VAL A 211 16.14 4.30 -17.60
C VAL A 211 17.57 4.86 -17.72
N GLY A 212 17.68 6.17 -18.02
CA GLY A 212 18.97 6.81 -18.07
C GLY A 212 19.23 7.24 -19.48
N GLY A 213 20.02 8.30 -19.61
CA GLY A 213 20.30 8.83 -20.94
C GLY A 213 21.49 8.13 -21.65
N ALA A 214 22.11 8.84 -22.59
CA ALA A 214 23.18 8.35 -23.42
C ALA A 214 24.44 7.76 -22.79
N ARG A 215 24.81 8.20 -21.61
CA ARG A 215 25.97 7.72 -20.91
C ARG A 215 25.69 6.52 -20.05
N ALA A 216 24.43 6.17 -19.85
CA ALA A 216 24.10 5.06 -18.95
C ALA A 216 24.49 3.67 -19.46
N VAL A 217 24.60 2.71 -18.56
CA VAL A 217 24.86 1.32 -18.95
C VAL A 217 23.92 0.42 -18.20
N TYR A 218 23.77 -0.77 -18.77
CA TYR A 218 22.82 -1.74 -18.31
C TYR A 218 23.19 -3.12 -17.87
N THR A 219 24.50 -3.38 -17.68
CA THR A 219 24.96 -4.70 -17.21
C THR A 219 26.05 -4.43 -16.20
N ARG A 220 26.24 -5.36 -15.25
CA ARG A 220 27.27 -5.21 -14.22
C ARG A 220 28.65 -5.22 -14.89
N GLU A 221 28.72 -5.89 -16.03
CA GLU A 221 29.94 -5.96 -16.81
C GLU A 221 30.32 -4.58 -17.35
N GLU A 222 29.38 -3.92 -18.04
CA GLU A 222 29.60 -2.55 -18.59
C GLU A 222 29.97 -1.55 -17.52
N MET A 223 29.36 -1.75 -16.36
CA MET A 223 29.59 -0.91 -15.19
C MET A 223 31.04 -1.06 -14.71
N LEU A 224 31.51 -2.29 -14.53
CA LEU A 224 32.88 -2.46 -14.06
C LEU A 224 33.87 -1.88 -15.07
N LYS A 225 33.64 -2.08 -16.36
CA LYS A 225 34.49 -1.53 -17.37
C LYS A 225 34.49 0.00 -17.23
N LYS A 226 33.31 0.62 -17.13
CA LYS A 226 33.27 2.09 -16.95
C LYS A 226 34.06 2.51 -15.70
N LEU A 227 34.06 1.68 -14.66
CA LEU A 227 34.80 2.01 -13.42
C LEU A 227 36.33 1.90 -13.59
N GLU A 228 36.80 1.01 -14.45
CA GLU A 228 38.24 0.88 -14.70
C GLU A 228 38.69 2.25 -15.15
N GLU A 229 38.11 2.66 -16.28
CA GLU A 229 38.35 3.92 -16.96
C GLU A 229 38.28 5.18 -16.08
N PHE A 230 37.91 5.00 -14.85
CA PHE A 230 37.77 6.14 -13.99
C PHE A 230 38.81 5.96 -12.90
N LEU A 231 38.78 4.75 -12.32
CA LEU A 231 39.67 4.33 -11.27
C LEU A 231 41.08 4.33 -11.81
N PRO A 232 42.07 4.20 -10.92
CA PRO A 232 43.44 4.18 -11.46
C PRO A 232 43.56 2.83 -12.19
N MET B 40 41.40 13.60 2.87
CA MET B 40 40.07 12.99 2.70
C MET B 40 39.49 12.60 4.06
N GLU B 41 40.34 12.35 5.05
CA GLU B 41 39.80 11.96 6.35
C GLU B 41 38.96 13.07 6.95
N GLY B 42 39.25 14.32 6.59
CA GLY B 42 38.49 15.46 7.09
C GLY B 42 37.03 15.52 6.59
N ILE B 43 36.81 15.07 5.35
CA ILE B 43 35.50 14.98 4.73
C ILE B 43 34.73 13.94 5.55
N ARG B 44 35.37 12.83 5.89
CA ARG B 44 34.71 11.82 6.69
C ARG B 44 34.42 12.33 8.07
N ARG B 45 35.38 13.06 8.63
CA ARG B 45 35.16 13.57 9.95
C ARG B 45 33.93 14.57 9.95
N ALA B 46 33.83 15.43 8.94
CA ALA B 46 32.70 16.35 8.87
C ALA B 46 31.44 15.44 8.71
N ALA B 47 31.49 14.45 7.81
CA ALA B 47 30.34 13.56 7.68
C ALA B 47 29.94 12.94 9.03
N GLN B 48 30.88 12.37 9.79
CA GLN B 48 30.48 11.75 11.04
C GLN B 48 29.87 12.77 12.02
N ARG B 49 30.49 13.93 12.16
CA ARG B 49 29.93 14.96 13.08
C ARG B 49 28.48 15.32 12.61
N ALA B 50 28.27 15.50 11.31
CA ALA B 50 26.92 15.77 10.77
C ALA B 50 25.90 14.69 11.15
N ALA B 51 26.32 13.44 11.01
CA ALA B 51 25.44 12.33 11.30
C ALA B 51 25.20 12.34 12.77
N GLU B 52 26.25 12.59 13.53
CA GLU B 52 26.12 12.63 14.99
C GLU B 52 25.04 13.68 15.49
N GLU B 53 25.15 14.88 14.99
CA GLU B 53 24.24 15.99 15.30
C GLU B 53 22.84 15.74 14.81
N PHE B 54 22.71 15.29 13.57
CA PHE B 54 21.45 14.91 12.95
C PHE B 54 20.64 13.93 13.82
N LEU B 55 21.28 12.87 14.31
CA LEU B 55 20.50 11.88 15.08
C LEU B 55 20.27 12.34 16.45
N GLN B 56 21.00 13.37 16.87
CA GLN B 56 20.79 13.90 18.23
C GLN B 56 19.44 14.65 18.16
N ALA B 57 19.27 15.41 17.09
CA ALA B 57 18.06 16.16 16.92
C ALA B 57 16.88 15.39 16.35
N PHE B 58 17.13 14.20 15.79
CA PHE B 58 16.07 13.41 15.14
C PHE B 58 16.53 11.99 15.29
N PRO B 59 16.23 11.36 16.45
CA PRO B 59 16.66 9.99 16.66
C PRO B 59 15.82 9.00 15.90
N MET B 60 16.13 8.88 14.62
CA MET B 60 15.44 7.97 13.73
C MET B 60 15.32 6.60 14.28
N ALA B 61 14.06 6.08 14.24
CA ALA B 61 13.71 4.75 14.80
C ALA B 61 13.97 3.58 13.84
N PRO B 62 13.99 2.33 14.35
CA PRO B 62 14.25 1.18 13.47
C PRO B 62 13.19 1.12 12.40
N GLY B 63 13.60 0.89 11.16
CA GLY B 63 12.54 0.82 10.16
C GLY B 63 12.23 2.04 9.37
N SER B 64 12.74 3.20 9.79
CA SER B 64 12.54 4.44 9.10
C SER B 64 13.53 4.49 7.89
N LEU B 65 13.37 5.50 7.02
CA LEU B 65 14.11 5.67 5.76
C LEU B 65 14.82 7.04 5.69
N PHE B 66 16.10 7.01 5.41
CA PHE B 66 16.97 8.21 5.28
C PHE B 66 17.44 8.29 3.85
N VAL B 67 17.40 9.46 3.27
CA VAL B 67 17.81 9.59 1.88
C VAL B 67 19.00 10.50 1.82
N LEU B 68 20.00 10.01 1.07
CA LEU B 68 21.23 10.76 0.88
C LEU B 68 21.34 11.14 -0.55
N GLY B 69 21.65 12.42 -0.77
CA GLY B 69 21.85 12.92 -2.12
C GLY B 69 23.10 13.76 -2.03
N GLY B 70 23.89 13.89 -3.07
CA GLY B 70 25.05 14.75 -2.91
C GLY B 70 25.89 14.70 -4.14
N SER B 71 26.86 15.62 -4.26
CA SER B 71 27.78 15.59 -5.39
C SER B 71 29.26 15.59 -4.85
N THR B 72 30.04 14.56 -5.18
CA THR B 72 31.40 14.50 -4.70
C THR B 72 32.21 15.58 -5.37
N SER B 73 31.86 15.91 -6.60
CA SER B 73 32.53 16.99 -7.31
C SER B 73 32.51 18.27 -6.49
N GLU B 74 31.33 18.60 -5.98
CA GLU B 74 31.14 19.74 -5.11
C GLU B 74 31.88 19.55 -3.79
N VAL B 75 32.12 18.31 -3.37
CA VAL B 75 32.84 18.14 -2.09
C VAL B 75 34.34 18.54 -2.30
N LEU B 76 34.90 18.25 -3.46
CA LEU B 76 36.30 18.58 -3.79
C LEU B 76 36.49 20.03 -4.27
N THR B 82 34.17 19.53 -11.66
CA THR B 82 33.04 18.76 -12.20
C THR B 82 33.38 17.30 -12.41
N ARG B 83 34.42 16.82 -11.71
CA ARG B 83 34.82 15.44 -11.81
C ARG B 83 34.47 14.70 -10.52
N PRO B 84 33.69 13.60 -10.62
CA PRO B 84 33.30 12.82 -9.42
C PRO B 84 34.55 12.18 -8.76
N SER B 85 34.47 11.81 -7.49
CA SER B 85 35.55 11.15 -6.77
C SER B 85 35.03 9.95 -5.88
N LEU B 86 35.38 8.71 -6.25
CA LEU B 86 35.01 7.55 -5.48
C LEU B 86 35.60 7.62 -4.09
N GLU B 87 36.80 8.19 -3.98
CA GLU B 87 37.48 8.41 -2.66
C GLU B 87 36.62 9.27 -1.73
N ALA B 88 36.14 10.37 -2.24
CA ALA B 88 35.28 11.27 -1.48
C ALA B 88 33.93 10.51 -1.20
N ALA B 89 33.43 9.71 -2.15
CA ALA B 89 32.17 8.99 -1.88
C ALA B 89 32.36 7.99 -0.70
N HIS B 90 33.45 7.20 -0.72
CA HIS B 90 33.80 6.31 0.37
C HIS B 90 33.84 7.07 1.74
N ALA B 91 34.46 8.23 1.77
CA ALA B 91 34.53 8.97 3.05
C ALA B 91 33.15 9.45 3.59
N VAL B 92 32.31 9.93 2.71
CA VAL B 92 31.01 10.37 3.09
C VAL B 92 30.22 9.16 3.58
N LEU B 93 30.22 8.07 2.80
CA LEU B 93 29.47 6.90 3.24
C LEU B 93 29.98 6.28 4.50
N GLU B 94 31.30 6.30 4.74
CA GLU B 94 31.84 5.70 5.96
C GLU B 94 31.41 6.57 7.17
N GLY B 95 31.32 7.88 6.92
CA GLY B 95 30.93 8.81 7.97
C GLY B 95 29.42 8.77 8.27
N LEU B 96 28.58 8.62 7.22
CA LEU B 96 27.11 8.62 7.36
C LEU B 96 26.46 7.29 7.64
N LEU B 97 26.86 6.30 6.89
CA LEU B 97 26.18 5.04 7.06
C LEU B 97 26.21 4.27 8.34
N PRO B 98 27.40 4.06 8.97
CA PRO B 98 27.32 3.28 10.21
C PRO B 98 26.35 3.68 11.33
N PRO B 99 26.27 4.99 11.67
CA PRO B 99 25.33 5.37 12.73
C PRO B 99 23.80 5.15 12.35
N LEU B 100 23.46 5.27 11.07
CA LEU B 100 22.11 5.02 10.52
C LEU B 100 21.82 3.52 10.53
N LEU B 101 22.71 2.76 9.92
CA LEU B 101 22.46 1.33 9.88
C LEU B 101 22.43 0.71 11.24
N GLU B 102 23.28 1.16 12.15
CA GLU B 102 23.25 0.58 13.48
C GLU B 102 21.94 0.94 14.14
N ARG B 103 21.17 1.89 13.62
CA ARG B 103 19.91 2.22 14.30
C ARG B 103 18.78 1.49 13.64
N GLY B 104 19.10 0.69 12.60
CA GLY B 104 18.09 -0.02 11.84
C GLY B 104 17.32 0.87 10.91
N VAL B 105 17.93 1.98 10.52
CA VAL B 105 17.36 2.89 9.59
C VAL B 105 17.73 2.42 8.16
N HIS B 106 16.78 2.41 7.20
CA HIS B 106 17.08 2.01 5.81
C HIS B 106 17.69 3.25 5.10
N VAL B 107 18.71 3.07 4.26
CA VAL B 107 19.36 4.16 3.56
C VAL B 107 19.13 4.03 2.06
N ALA B 108 18.85 5.15 1.42
CA ALA B 108 18.68 5.26 -0.04
C ALA B 108 19.66 6.31 -0.46
N VAL B 109 20.36 6.09 -1.60
CA VAL B 109 21.34 7.02 -2.12
C VAL B 109 20.89 7.41 -3.48
N GLN B 110 20.69 8.70 -3.68
CA GLN B 110 20.14 9.19 -4.93
C GLN B 110 21.20 9.38 -5.97
N ALA B 111 20.95 8.88 -7.16
CA ALA B 111 21.86 9.04 -8.23
C ALA B 111 21.48 10.40 -8.86
N CYS B 112 22.33 10.89 -9.73
CA CYS B 112 22.11 12.15 -10.37
C CYS B 112 21.00 12.07 -11.41
N GLU B 113 20.73 13.21 -12.03
CA GLU B 113 19.64 13.34 -12.91
C GLU B 113 19.77 12.66 -14.27
N HIS B 114 20.99 12.25 -14.64
CA HIS B 114 21.19 11.53 -15.92
C HIS B 114 20.47 10.12 -15.75
N LEU B 115 20.31 9.67 -14.51
CA LEU B 115 19.58 8.39 -14.26
C LEU B 115 18.28 8.74 -13.59
N ASN B 116 17.86 9.99 -13.82
CA ASN B 116 16.58 10.54 -13.36
C ASN B 116 16.38 10.48 -11.89
N ARG B 117 17.43 10.65 -11.14
CA ARG B 117 17.32 10.58 -9.66
C ARG B 117 16.82 9.22 -9.14
N ALA B 118 17.05 8.16 -9.90
CA ALA B 118 16.70 6.82 -9.38
C ALA B 118 17.67 6.61 -8.21
N LEU B 119 17.26 5.86 -7.21
CA LEU B 119 18.06 5.69 -6.04
C LEU B 119 18.47 4.23 -5.82
N VAL B 120 19.61 4.08 -5.12
CA VAL B 120 20.18 2.81 -4.69
C VAL B 120 19.68 2.47 -3.30
N VAL B 121 19.08 1.29 -3.16
CA VAL B 121 18.62 0.79 -1.89
C VAL B 121 18.90 -0.72 -1.88
N GLU B 122 18.97 -1.29 -0.68
CA GLU B 122 19.07 -2.70 -0.57
C GLU B 122 17.72 -3.25 -1.11
N ARG B 123 17.77 -4.44 -1.74
CA ARG B 123 16.59 -5.10 -2.24
C ARG B 123 15.51 -5.18 -1.11
N GLU B 124 15.93 -5.44 0.12
CA GLU B 124 14.99 -5.53 1.22
C GLU B 124 14.25 -4.19 1.48
N THR B 125 14.95 -3.08 1.28
CA THR B 125 14.36 -1.76 1.45
C THR B 125 13.30 -1.54 0.36
N ALA B 126 13.63 -1.92 -0.87
CA ALA B 126 12.67 -1.75 -1.97
C ALA B 126 11.42 -2.57 -1.60
N ARG B 127 11.62 -3.72 -0.98
CA ARG B 127 10.51 -4.57 -0.61
C ARG B 127 9.71 -3.98 0.55
N ALA B 128 10.38 -3.58 1.64
CA ALA B 128 9.63 -3.01 2.73
C ALA B 128 8.87 -1.77 2.34
N PHE B 129 9.35 -0.98 1.39
CA PHE B 129 8.66 0.21 1.08
C PHE B 129 7.80 0.22 -0.23
N GLY B 130 7.68 -0.94 -0.88
CA GLY B 130 6.85 -1.08 -2.08
C GLY B 130 7.38 -0.23 -3.21
N LYS B 131 8.71 -0.16 -3.30
CA LYS B 131 9.42 0.60 -4.31
C LYS B 131 9.46 -0.12 -5.64
N GLU B 132 9.44 0.65 -6.74
CA GLU B 132 9.51 0.13 -8.11
C GLU B 132 10.99 0.14 -8.64
N GLU B 133 11.53 -1.06 -8.89
CA GLU B 133 12.88 -1.24 -9.41
C GLU B 133 12.89 -0.85 -10.88
N VAL B 134 13.97 -0.23 -11.31
CA VAL B 134 14.18 0.18 -12.71
C VAL B 134 15.51 -0.49 -13.07
N ALA B 135 15.80 -0.55 -14.36
CA ALA B 135 16.96 -1.29 -14.87
C ALA B 135 18.04 -0.37 -15.33
N VAL B 136 19.09 -0.26 -14.51
CA VAL B 136 20.21 0.59 -14.91
C VAL B 136 21.32 0.29 -13.92
N PHE B 137 22.55 0.53 -14.29
CA PHE B 137 23.66 0.29 -13.32
C PHE B 137 24.33 1.60 -13.30
N PRO B 138 24.63 2.10 -12.10
CA PRO B 138 25.29 3.42 -12.06
C PRO B 138 26.82 3.36 -12.22
N HIS B 139 27.42 4.44 -12.74
CA HIS B 139 28.87 4.53 -12.79
C HIS B 139 29.16 6.04 -12.56
N PRO B 140 30.36 6.42 -12.05
CA PRO B 140 30.58 7.86 -11.81
C PRO B 140 30.17 8.86 -12.85
N LYS B 141 30.40 8.61 -14.12
CA LYS B 141 30.03 9.60 -15.16
C LYS B 141 28.55 9.56 -15.59
N ALA B 142 27.76 8.62 -15.05
CA ALA B 142 26.31 8.59 -15.35
C ALA B 142 25.70 7.96 -14.13
N GLY B 143 25.50 8.77 -13.11
CA GLY B 143 24.93 8.19 -11.90
C GLY B 143 25.60 8.95 -10.76
N GLY B 144 26.91 9.22 -10.91
CA GLY B 144 27.66 9.92 -9.91
C GLY B 144 28.45 8.97 -8.98
N ALA B 145 29.51 9.50 -8.35
CA ALA B 145 30.31 8.67 -7.50
C ALA B 145 29.61 8.09 -6.26
N LYS B 146 28.77 8.93 -5.67
CA LYS B 146 28.13 8.42 -4.49
C LYS B 146 27.14 7.27 -4.72
N ALA B 147 26.30 7.32 -5.77
CA ALA B 147 25.31 6.25 -6.03
C ALA B 147 26.20 5.02 -6.36
N THR B 148 27.25 5.25 -7.15
CA THR B 148 28.21 4.20 -7.48
C THR B 148 28.87 3.60 -6.25
N ALA B 149 29.37 4.43 -5.35
CA ALA B 149 30.01 3.85 -4.16
C ALA B 149 28.94 3.04 -3.35
N ALA B 150 27.71 3.58 -3.23
CA ALA B 150 26.67 2.83 -2.53
C ALA B 150 26.33 1.49 -3.22
N PHE B 151 26.20 1.53 -4.52
CA PHE B 151 25.79 0.33 -5.27
C PHE B 151 26.87 -0.79 -5.07
N LEU B 152 28.12 -0.41 -5.10
CA LEU B 152 29.20 -1.36 -4.84
C LEU B 152 29.28 -1.82 -3.36
N ARG B 153 28.88 -0.98 -2.40
CA ARG B 153 29.02 -1.42 -1.02
C ARG B 153 27.84 -2.18 -0.43
N PHE B 154 26.66 -1.88 -0.98
CA PHE B 154 25.43 -2.53 -0.53
C PHE B 154 25.45 -4.09 -0.74
N ARG B 155 24.84 -4.87 0.12
CA ARG B 155 24.80 -6.33 -0.05
C ARG B 155 24.00 -6.80 -1.24
N ASP B 156 22.80 -6.23 -1.46
CA ASP B 156 22.02 -6.68 -2.59
C ASP B 156 21.22 -5.47 -3.09
N PRO B 157 21.91 -4.59 -3.80
CA PRO B 157 21.38 -3.36 -4.35
C PRO B 157 20.54 -3.44 -5.58
N VAL B 158 19.57 -2.55 -5.63
CA VAL B 158 18.69 -2.37 -6.78
C VAL B 158 18.52 -0.86 -6.91
N MET B 159 18.28 -0.43 -8.13
CA MET B 159 18.02 0.92 -8.46
C MET B 159 16.45 1.02 -8.40
N VAL B 160 15.90 2.06 -7.75
CA VAL B 160 14.43 2.22 -7.71
C VAL B 160 14.10 3.59 -8.36
N GLU B 161 12.88 3.65 -8.86
CA GLU B 161 12.42 4.84 -9.56
C GLU B 161 12.37 6.10 -8.65
N SER B 162 11.89 5.84 -7.43
CA SER B 162 11.85 6.90 -6.44
C SER B 162 11.54 6.19 -5.12
N LEU B 163 11.32 6.97 -4.07
CA LEU B 163 10.99 6.38 -2.82
C LEU B 163 9.48 6.68 -2.56
N LYS B 164 8.77 7.13 -3.58
CA LYS B 164 7.41 7.56 -3.38
C LYS B 164 7.28 8.54 -2.20
N ALA B 165 8.20 9.50 -2.08
CA ALA B 165 8.17 10.51 -1.03
C ALA B 165 8.00 9.91 0.33
N GLN B 166 8.60 8.75 0.55
CA GLN B 166 8.50 8.14 1.85
C GLN B 166 9.61 8.38 2.86
N ALA B 167 10.64 9.12 2.49
CA ALA B 167 11.73 9.25 3.48
C ALA B 167 11.39 10.14 4.66
N HIS B 168 11.86 9.72 5.83
CA HIS B 168 11.69 10.51 7.05
C HIS B 168 12.72 11.55 7.27
N GLY B 169 13.89 11.47 6.59
CA GLY B 169 14.92 12.48 6.72
C GLY B 169 16.02 12.24 5.73
N GLY B 170 16.97 13.16 5.66
CA GLY B 170 18.05 12.95 4.72
C GLY B 170 19.04 14.07 4.77
N MET B 171 19.93 14.12 3.75
CA MET B 171 20.96 15.15 3.60
C MET B 171 21.20 15.38 2.12
N ASP B 172 21.46 16.63 1.78
CA ASP B 172 21.71 17.01 0.42
C ASP B 172 23.19 17.56 0.50
N ILE B 173 24.15 16.88 -0.15
CA ILE B 173 25.53 17.37 -0.06
C ILE B 173 25.87 18.12 -1.28
N GLY B 174 25.97 19.42 -1.14
CA GLY B 174 26.24 20.13 -2.37
C GLY B 174 25.07 20.80 -3.07
N GLY B 175 23.85 20.81 -2.50
CA GLY B 175 22.72 21.42 -3.20
C GLY B 175 22.24 20.66 -4.43
N VAL B 176 22.08 19.37 -4.26
CA VAL B 176 21.63 18.64 -5.44
C VAL B 176 20.07 18.47 -5.35
N LEU B 177 19.48 18.75 -4.20
CA LEU B 177 18.06 18.59 -3.90
C LEU B 177 17.71 17.12 -3.58
N ILE B 178 16.96 16.96 -2.48
CA ILE B 178 16.43 15.69 -2.07
C ILE B 178 14.95 15.83 -1.60
N GLY B 179 14.43 17.05 -1.72
CA GLY B 179 13.07 17.29 -1.18
C GLY B 179 11.99 16.39 -1.74
N MET B 180 12.06 16.02 -3.00
CA MET B 180 11.06 15.19 -3.63
C MET B 180 10.90 13.78 -3.02
N HIS B 181 11.85 13.38 -2.18
CA HIS B 181 11.89 12.05 -1.57
C HIS B 181 11.35 12.05 -0.15
N LEU B 182 11.23 13.26 0.41
CA LEU B 182 10.82 13.40 1.79
C LEU B 182 9.34 13.50 1.96
N ARG B 183 8.80 12.86 2.99
CA ARG B 183 7.38 12.92 3.21
C ARG B 183 7.08 14.28 3.96
N PRO B 184 5.85 14.80 3.84
CA PRO B 184 5.48 16.08 4.51
C PRO B 184 5.59 15.87 6.01
N VAL B 185 6.04 16.84 6.82
CA VAL B 185 6.52 18.13 6.37
C VAL B 185 8.04 18.09 6.64
N ALA B 186 8.84 18.46 5.67
CA ALA B 186 10.29 18.43 5.77
C ALA B 186 10.62 19.69 6.61
N VAL B 187 11.48 19.52 7.63
CA VAL B 187 11.95 20.62 8.48
C VAL B 187 13.53 20.62 8.36
N PRO B 188 14.10 21.68 7.78
CA PRO B 188 15.56 21.64 7.69
C PRO B 188 16.12 21.79 9.10
N LEU B 189 17.23 21.12 9.34
CA LEU B 189 17.95 21.10 10.64
C LEU B 189 19.22 21.96 10.58
N ARG B 190 19.48 22.75 11.61
CA ARG B 190 20.71 23.49 11.58
C ARG B 190 21.71 22.54 12.25
N LEU B 191 22.87 22.37 11.68
CA LEU B 191 23.88 21.56 12.33
C LEU B 191 25.12 22.45 12.31
N SER B 192 26.04 22.25 13.25
CA SER B 192 27.31 23.02 13.24
C SER B 192 28.04 22.83 11.92
N VAL B 193 27.91 21.62 11.38
CA VAL B 193 28.57 21.32 10.14
C VAL B 193 27.76 21.92 9.02
N ARG B 194 28.30 22.94 8.37
CA ARG B 194 27.53 23.53 7.31
C ARG B 194 28.09 23.15 5.96
N LYS B 195 29.27 22.55 6.01
CA LYS B 195 29.89 21.99 4.79
C LYS B 195 30.60 20.62 5.00
N ILE B 196 30.68 19.89 3.90
CA ILE B 196 31.39 18.59 3.87
C ILE B 196 32.36 18.89 2.77
N GLY B 197 33.65 18.97 3.11
CA GLY B 197 34.55 19.38 2.07
C GLY B 197 34.15 20.82 1.77
N GLU B 198 34.08 21.10 0.48
CA GLU B 198 33.69 22.40 -0.05
C GLU B 198 32.16 22.47 -0.44
N ALA B 199 31.41 21.42 -0.09
CA ALA B 199 29.96 21.34 -0.43
C ALA B 199 29.12 21.74 0.76
N VAL B 200 28.05 22.52 0.53
CA VAL B 200 27.14 22.97 1.61
C VAL B 200 26.34 21.80 2.09
N LEU B 201 26.07 21.68 3.37
CA LEU B 201 25.31 20.54 3.76
C LEU B 201 23.89 20.97 4.12
N LEU B 202 22.88 20.37 3.47
CA LEU B 202 21.49 20.63 3.82
C LEU B 202 20.98 19.35 4.47
N ALA B 203 20.52 19.40 5.69
CA ALA B 203 19.99 18.25 6.37
C ALA B 203 18.54 18.58 6.77
N ALA B 204 17.64 17.58 6.75
CA ALA B 204 16.25 17.81 7.09
C ALA B 204 15.64 16.61 7.77
N LYS B 205 14.74 16.79 8.67
CA LYS B 205 14.01 15.69 9.24
C LYS B 205 12.57 15.87 8.69
N THR B 206 11.60 15.17 9.22
CA THR B 206 10.22 15.38 8.76
C THR B 206 9.38 15.28 10.01
N ARG B 207 8.18 15.86 9.94
CA ARG B 207 7.21 15.80 10.99
C ARG B 207 5.80 15.99 10.50
N PRO B 208 4.89 15.47 11.23
CA PRO B 208 3.46 15.53 10.95
C PRO B 208 2.95 16.94 10.69
N LYS B 209 1.98 17.09 9.80
CA LYS B 209 1.34 18.36 9.54
C LYS B 209 0.62 18.87 10.80
N LEU B 210 0.75 20.16 10.99
CA LEU B 210 0.13 20.87 12.09
C LEU B 210 -1.26 21.25 11.55
N VAL B 211 -2.28 20.80 12.26
CA VAL B 211 -3.65 21.05 11.80
C VAL B 211 -4.60 21.59 12.90
N GLY B 212 -5.71 22.18 12.45
CA GLY B 212 -6.72 22.70 13.36
C GLY B 212 -6.72 24.26 13.36
N GLY B 213 -7.88 24.84 13.57
CA GLY B 213 -8.00 26.30 13.59
C GLY B 213 -7.58 26.99 14.86
N ALA B 214 -8.01 28.25 14.99
CA ALA B 214 -7.63 29.09 16.10
C ALA B 214 -7.81 28.56 17.52
N ARG B 215 -8.75 27.72 17.79
CA ARG B 215 -8.88 27.18 19.16
C ARG B 215 -8.05 25.92 19.40
N ALA B 216 -7.47 25.33 18.34
CA ALA B 216 -6.68 24.09 18.52
C ALA B 216 -5.48 24.33 19.44
N VAL B 217 -5.01 23.24 20.03
CA VAL B 217 -3.87 23.28 20.94
C VAL B 217 -2.91 22.15 20.48
N TYR B 218 -1.60 22.32 20.77
CA TYR B 218 -0.57 21.37 20.35
C TYR B 218 0.34 20.65 21.38
N THR B 219 0.01 20.61 22.67
CA THR B 219 0.86 19.82 23.61
C THR B 219 -0.04 19.17 24.59
N ARG B 220 0.37 18.06 25.17
CA ARG B 220 -0.50 17.43 26.17
C ARG B 220 -0.93 18.43 27.28
N GLU B 221 0.00 19.26 27.75
CA GLU B 221 -0.23 20.26 28.79
C GLU B 221 -1.35 21.19 28.40
N GLU B 222 -1.15 21.94 27.32
CA GLU B 222 -2.17 22.83 26.82
C GLU B 222 -3.57 22.16 26.80
N MET B 223 -3.57 20.87 26.48
CA MET B 223 -4.79 20.07 26.42
C MET B 223 -5.34 19.99 27.83
N LEU B 224 -4.51 19.51 28.76
CA LEU B 224 -4.96 19.42 30.14
C LEU B 224 -5.55 20.74 30.62
N LYS B 225 -4.81 21.82 30.42
CA LYS B 225 -5.26 23.13 30.81
C LYS B 225 -6.60 23.37 30.18
N LYS B 226 -6.78 22.92 28.95
CA LYS B 226 -8.07 23.11 28.32
C LYS B 226 -9.18 22.27 29.01
N LEU B 227 -8.84 21.08 29.51
CA LEU B 227 -9.80 20.20 30.17
C LEU B 227 -10.23 20.84 31.45
N GLU B 228 -9.27 21.49 32.10
CA GLU B 228 -9.49 22.21 33.34
C GLU B 228 -10.08 23.52 32.87
N GLU B 229 -11.37 23.50 32.51
CA GLU B 229 -12.19 24.64 31.98
C GLU B 229 -13.41 24.05 31.25
N MET C 40 -26.12 8.69 33.09
CA MET C 40 -25.93 8.58 31.62
C MET C 40 -26.01 7.10 31.17
N GLU C 41 -26.33 6.27 32.15
CA GLU C 41 -26.48 4.83 31.99
C GLU C 41 -27.20 4.47 30.65
N GLY C 42 -28.27 5.19 30.31
CA GLY C 42 -29.04 4.93 29.10
C GLY C 42 -28.26 5.25 27.85
N ILE C 43 -27.30 6.16 28.00
CA ILE C 43 -26.43 6.56 26.91
C ILE C 43 -25.49 5.37 26.78
N ARG C 44 -24.96 4.99 27.95
CA ARG C 44 -24.02 3.88 28.15
C ARG C 44 -24.61 2.55 27.66
N ARG C 45 -25.83 2.29 28.09
CA ARG C 45 -26.62 1.11 27.79
C ARG C 45 -26.98 1.02 26.30
N ALA C 46 -27.50 2.12 25.78
CA ALA C 46 -27.91 2.19 24.37
C ALA C 46 -26.71 1.99 23.46
N ALA C 47 -25.54 2.43 23.94
CA ALA C 47 -24.29 2.32 23.20
C ALA C 47 -23.88 0.85 23.05
N GLN C 48 -23.85 0.13 24.16
CA GLN C 48 -23.49 -1.28 24.10
C GLN C 48 -24.48 -2.06 23.16
N ARG C 49 -25.75 -1.81 23.37
CA ARG C 49 -26.79 -2.44 22.57
C ARG C 49 -26.55 -2.31 21.09
N ALA C 50 -26.31 -1.08 20.64
CA ALA C 50 -26.16 -0.86 19.24
C ALA C 50 -24.93 -1.57 18.73
N ALA C 51 -23.88 -1.56 19.53
CA ALA C 51 -22.68 -2.22 19.11
C ALA C 51 -22.91 -3.76 18.94
N GLU C 52 -23.67 -4.35 19.86
CA GLU C 52 -23.98 -5.79 19.77
C GLU C 52 -24.94 -6.04 18.59
N GLU C 53 -26.00 -5.25 18.52
CA GLU C 53 -26.87 -5.43 17.41
C GLU C 53 -26.11 -5.32 16.09
N PHE C 54 -25.30 -4.28 15.95
CA PHE C 54 -24.54 -4.02 14.78
C PHE C 54 -23.70 -5.24 14.41
N LEU C 55 -22.85 -5.64 15.35
CA LEU C 55 -22.00 -6.80 15.11
C LEU C 55 -22.76 -8.06 14.83
N GLN C 56 -23.97 -8.20 15.41
CA GLN C 56 -24.81 -9.35 15.15
C GLN C 56 -25.16 -9.26 13.64
N ALA C 57 -25.56 -8.08 13.18
CA ALA C 57 -25.88 -7.95 11.77
C ALA C 57 -24.63 -7.85 10.87
N PHE C 58 -23.51 -7.38 11.42
CA PHE C 58 -22.29 -7.20 10.62
C PHE C 58 -21.14 -7.69 11.52
N PRO C 59 -20.88 -9.03 11.52
CA PRO C 59 -19.85 -9.72 12.32
C PRO C 59 -18.44 -9.43 11.86
N MET C 60 -18.00 -8.18 12.16
CA MET C 60 -16.72 -7.66 11.80
C MET C 60 -15.59 -8.57 12.26
N ALA C 61 -14.78 -8.98 11.29
CA ALA C 61 -13.64 -9.87 11.52
C ALA C 61 -12.51 -9.15 12.21
N PRO C 62 -11.52 -9.91 12.69
CA PRO C 62 -10.41 -9.28 13.37
C PRO C 62 -9.56 -8.49 12.36
N GLY C 63 -9.13 -7.29 12.74
CA GLY C 63 -8.30 -6.53 11.82
C GLY C 63 -9.04 -5.55 10.96
N SER C 64 -10.35 -5.61 11.00
CA SER C 64 -11.15 -4.67 10.21
C SER C 64 -11.13 -3.34 11.02
N LEU C 65 -11.73 -2.29 10.48
CA LEU C 65 -11.68 -0.97 11.14
C LEU C 65 -13.03 -0.34 11.28
N PHE C 66 -13.28 0.11 12.49
CA PHE C 66 -14.58 0.75 12.81
C PHE C 66 -14.49 2.26 13.06
N VAL C 67 -15.36 3.08 12.51
CA VAL C 67 -15.24 4.52 12.78
C VAL C 67 -16.47 5.08 13.54
N LEU C 68 -16.20 5.86 14.59
CA LEU C 68 -17.20 6.49 15.40
C LEU C 68 -17.06 8.03 15.32
N GLY C 69 -18.19 8.63 14.98
CA GLY C 69 -18.34 10.05 14.88
C GLY C 69 -19.62 10.37 15.66
N GLY C 70 -19.64 11.45 16.39
CA GLY C 70 -20.86 11.80 17.10
C GLY C 70 -20.69 13.14 17.77
N SER C 71 -21.82 13.69 18.25
CA SER C 71 -21.92 15.00 18.92
C SER C 71 -22.49 14.85 20.33
N THR C 72 -21.77 15.19 21.39
CA THR C 72 -22.33 15.03 22.75
C THR C 72 -23.43 16.05 23.09
N SER C 73 -23.41 17.19 22.41
CA SER C 73 -24.39 18.25 22.59
C SER C 73 -25.68 17.68 22.03
N GLU C 74 -25.58 16.96 20.94
CA GLU C 74 -26.74 16.36 20.37
C GLU C 74 -27.29 15.25 21.28
N VAL C 75 -26.39 14.40 21.83
CA VAL C 75 -26.79 13.32 22.72
C VAL C 75 -27.61 13.88 23.91
N LEU C 76 -27.24 15.08 24.38
CA LEU C 76 -27.94 15.74 25.48
C LEU C 76 -29.06 16.65 24.98
N GLY C 77 -29.20 16.84 23.68
CA GLY C 77 -30.30 17.65 23.16
C GLY C 77 -30.23 19.16 23.36
N GLU C 78 -31.39 19.80 23.45
CA GLU C 78 -31.47 21.25 23.62
C GLU C 78 -31.38 21.84 25.06
N ARG C 79 -31.46 21.00 26.10
CA ARG C 79 -31.34 21.39 27.51
C ARG C 79 -30.87 22.85 27.65
N ARG C 83 -23.00 23.19 23.46
CA ARG C 83 -21.84 22.83 24.27
C ARG C 83 -21.72 21.31 24.51
N PRO C 84 -20.50 20.77 24.32
CA PRO C 84 -20.15 19.35 24.48
C PRO C 84 -20.16 18.87 25.96
N SER C 85 -20.13 17.54 26.11
CA SER C 85 -20.13 16.87 27.41
C SER C 85 -19.13 15.73 27.49
N LEU C 86 -18.19 15.85 28.43
CA LEU C 86 -17.23 14.76 28.62
C LEU C 86 -17.90 13.52 29.23
N GLU C 87 -18.86 13.76 30.13
CA GLU C 87 -19.59 12.69 30.80
C GLU C 87 -20.26 11.80 29.78
N ALA C 88 -20.94 12.45 28.84
CA ALA C 88 -21.67 11.74 27.82
C ALA C 88 -20.69 11.00 26.94
N ALA C 89 -19.60 11.71 26.64
CA ALA C 89 -18.57 11.17 25.78
C ALA C 89 -18.13 9.85 26.36
N HIS C 90 -17.68 9.84 27.63
CA HIS C 90 -17.16 8.60 28.23
C HIS C 90 -18.18 7.52 28.32
N ALA C 91 -19.44 7.93 28.50
CA ALA C 91 -20.58 6.97 28.54
C ALA C 91 -20.75 6.29 27.17
N VAL C 92 -20.63 7.06 26.09
CA VAL C 92 -20.81 6.47 24.77
C VAL C 92 -19.77 5.45 24.52
N LEU C 93 -18.53 5.83 24.79
CA LEU C 93 -17.34 4.97 24.56
C LEU C 93 -17.30 3.73 25.46
N GLU C 94 -17.73 3.98 26.69
CA GLU C 94 -17.83 3.03 27.78
C GLU C 94 -18.68 1.87 27.25
N GLY C 95 -19.79 2.25 26.64
CA GLY C 95 -20.72 1.27 26.10
C GLY C 95 -20.39 0.76 24.73
N LEU C 96 -19.85 1.62 23.87
CA LEU C 96 -19.62 1.18 22.50
C LEU C 96 -18.37 0.43 22.22
N LEU C 97 -17.29 0.78 22.89
CA LEU C 97 -15.98 0.16 22.57
C LEU C 97 -15.63 -1.32 22.88
N PRO C 98 -15.98 -1.79 24.09
CA PRO C 98 -15.69 -3.18 24.49
C PRO C 98 -16.09 -4.26 23.46
N PRO C 99 -17.33 -4.24 22.99
CA PRO C 99 -17.87 -5.18 22.01
C PRO C 99 -16.95 -5.33 20.78
N LEU C 100 -16.54 -4.16 20.25
CA LEU C 100 -15.65 -4.09 19.08
C LEU C 100 -14.24 -4.49 19.47
N LEU C 101 -13.75 -3.96 20.58
CA LEU C 101 -12.39 -4.30 20.96
C LEU C 101 -12.26 -5.84 21.19
N GLU C 102 -13.28 -6.50 21.75
CA GLU C 102 -13.25 -7.95 21.99
C GLU C 102 -13.07 -8.71 20.70
N ARG C 103 -13.56 -8.19 19.57
CA ARG C 103 -13.42 -8.89 18.26
C ARG C 103 -12.14 -8.47 17.46
N GLY C 104 -11.25 -7.75 18.16
CA GLY C 104 -10.06 -7.29 17.50
C GLY C 104 -10.38 -6.38 16.33
N VAL C 105 -11.42 -5.60 16.46
CA VAL C 105 -11.79 -4.65 15.43
C VAL C 105 -11.09 -3.38 15.83
N HIS C 106 -10.38 -2.72 14.91
CA HIS C 106 -9.71 -1.42 15.20
C HIS C 106 -10.76 -0.30 15.22
N VAL C 107 -10.72 0.56 16.25
CA VAL C 107 -11.67 1.67 16.37
C VAL C 107 -11.05 3.08 16.12
N ALA C 108 -11.69 3.87 15.27
CA ALA C 108 -11.27 5.27 15.06
C ALA C 108 -12.41 6.24 15.56
N VAL C 109 -12.02 7.34 16.19
CA VAL C 109 -12.98 8.33 16.64
C VAL C 109 -12.75 9.69 15.95
N GLN C 110 -13.67 10.08 15.06
CA GLN C 110 -13.55 11.31 14.31
C GLN C 110 -13.76 12.54 15.26
N ALA C 111 -12.85 13.54 15.21
CA ALA C 111 -12.99 14.82 15.95
C ALA C 111 -13.89 15.74 15.04
N CYS C 112 -14.35 16.89 15.54
CA CYS C 112 -15.22 17.77 14.74
C CYS C 112 -14.44 18.56 13.64
N GLU C 113 -15.13 19.40 12.85
CA GLU C 113 -14.46 20.16 11.77
C GLU C 113 -13.35 21.23 12.06
N HIS C 114 -13.21 21.65 13.31
CA HIS C 114 -12.16 22.61 13.72
C HIS C 114 -10.79 21.89 13.63
N LEU C 115 -10.79 20.56 13.71
CA LEU C 115 -9.58 19.75 13.52
C LEU C 115 -9.70 18.98 12.17
N ASN C 116 -10.47 19.50 11.21
CA ASN C 116 -10.65 18.90 9.91
C ASN C 116 -11.12 17.46 9.92
N ARG C 117 -11.74 17.07 11.04
CA ARG C 117 -12.21 15.72 11.13
C ARG C 117 -11.05 14.69 11.25
N ALA C 118 -9.86 15.12 11.66
CA ALA C 118 -8.78 14.15 11.92
C ALA C 118 -9.44 13.22 12.96
N LEU C 119 -8.91 12.00 13.05
CA LEU C 119 -9.42 10.94 13.95
C LEU C 119 -8.41 10.45 14.99
N VAL C 120 -8.93 10.10 16.17
CA VAL C 120 -8.11 9.53 17.26
C VAL C 120 -8.03 8.03 17.01
N VAL C 121 -6.79 7.55 16.85
CA VAL C 121 -6.61 6.14 16.64
C VAL C 121 -5.40 5.68 17.47
N GLU C 122 -5.31 4.39 17.70
CA GLU C 122 -4.17 3.84 18.40
C GLU C 122 -3.09 3.86 17.39
N ARG C 123 -1.89 4.11 17.92
CA ARG C 123 -0.67 4.10 17.14
C ARG C 123 -0.62 2.85 16.25
N GLU C 124 -0.90 1.69 16.84
CA GLU C 124 -0.88 0.44 16.06
C GLU C 124 -1.88 0.46 14.91
N THR C 125 -3.06 1.06 15.12
CA THR C 125 -4.03 1.15 13.98
C THR C 125 -3.46 2.02 12.85
N ALA C 126 -2.83 3.15 13.20
CA ALA C 126 -2.24 4.04 12.17
C ALA C 126 -1.23 3.25 11.36
N ARG C 127 -0.42 2.48 12.07
CA ARG C 127 0.57 1.68 11.40
C ARG C 127 -0.07 0.56 10.59
N ALA C 128 -0.96 -0.23 11.21
CA ALA C 128 -1.62 -1.27 10.44
C ALA C 128 -2.33 -0.75 9.22
N PHE C 129 -2.89 0.46 9.23
CA PHE C 129 -3.61 0.84 8.01
C PHE C 129 -2.91 1.89 7.13
N GLY C 130 -1.63 2.08 7.40
CA GLY C 130 -0.87 3.08 6.60
C GLY C 130 -1.43 4.53 6.75
N LYS C 131 -1.95 4.87 7.93
CA LYS C 131 -2.51 6.23 8.16
C LYS C 131 -1.40 7.28 8.37
N GLU C 132 -1.66 8.53 7.95
CA GLU C 132 -0.76 9.65 8.11
C GLU C 132 -1.11 10.41 9.38
N GLU C 133 -0.13 10.51 10.27
CA GLU C 133 -0.30 11.20 11.53
C GLU C 133 -0.31 12.71 11.28
N VAL C 134 -1.12 13.45 12.02
CA VAL C 134 -1.10 14.90 11.89
C VAL C 134 -0.87 15.36 13.29
N ALA C 135 -0.31 16.59 13.44
CA ALA C 135 0.04 17.09 14.81
C ALA C 135 -1.00 18.07 15.39
N VAL C 136 -1.68 17.63 16.44
CA VAL C 136 -2.69 18.44 17.18
C VAL C 136 -3.15 17.55 18.36
N PHE C 137 -3.67 18.18 19.44
CA PHE C 137 -4.21 17.45 20.66
C PHE C 137 -5.62 17.96 20.84
N PRO C 138 -6.59 17.06 20.83
CA PRO C 138 -7.99 17.48 20.97
C PRO C 138 -8.40 17.91 22.35
N HIS C 139 -9.36 18.85 22.40
CA HIS C 139 -10.00 19.27 23.66
C HIS C 139 -11.51 19.60 23.30
N PRO C 140 -12.46 19.42 24.24
CA PRO C 140 -13.89 19.67 23.90
C PRO C 140 -14.25 20.87 23.00
N LYS C 141 -13.56 21.97 23.25
CA LYS C 141 -13.82 23.17 22.47
C LYS C 141 -13.11 23.20 21.12
N ALA C 142 -12.06 22.40 20.96
CA ALA C 142 -11.38 22.32 19.66
C ALA C 142 -11.13 20.85 19.42
N GLY C 143 -12.15 20.23 18.83
CA GLY C 143 -12.07 18.83 18.51
C GLY C 143 -13.26 18.06 18.95
N GLY C 144 -13.87 18.50 20.07
CA GLY C 144 -15.06 17.85 20.60
C GLY C 144 -14.86 16.93 21.79
N ALA C 145 -15.95 16.59 22.52
CA ALA C 145 -15.79 15.75 23.73
C ALA C 145 -15.60 14.32 23.39
N LYS C 146 -16.19 13.86 22.29
CA LYS C 146 -15.97 12.46 22.01
C LYS C 146 -14.55 12.16 21.54
N ALA C 147 -13.95 12.98 20.67
CA ALA C 147 -12.58 12.66 20.26
C ALA C 147 -11.62 12.83 21.47
N THR C 148 -11.93 13.82 22.30
CA THR C 148 -11.11 14.13 23.47
C THR C 148 -11.16 13.00 24.43
N ALA C 149 -12.36 12.48 24.71
CA ALA C 149 -12.44 11.36 25.64
C ALA C 149 -11.78 10.10 25.05
N ALA C 150 -11.89 9.94 23.75
CA ALA C 150 -11.27 8.80 23.13
C ALA C 150 -9.74 8.88 23.36
N PHE C 151 -9.19 10.10 23.19
CA PHE C 151 -7.75 10.40 23.30
C PHE C 151 -7.27 10.10 24.68
N LEU C 152 -8.10 10.38 25.65
CA LEU C 152 -7.70 10.07 27.00
C LEU C 152 -7.82 8.54 27.30
N ARG C 153 -8.88 7.92 26.81
CA ARG C 153 -9.09 6.52 27.11
C ARG C 153 -8.18 5.52 26.37
N PHE C 154 -7.73 5.86 25.15
CA PHE C 154 -6.85 4.97 24.38
C PHE C 154 -5.51 4.84 25.11
N ARG C 155 -4.75 3.85 24.67
CA ARG C 155 -3.45 3.51 25.23
C ARG C 155 -2.31 4.35 24.69
N ASP C 156 -2.21 4.40 23.37
CA ASP C 156 -1.14 5.15 22.72
C ASP C 156 -1.80 5.85 21.52
N PRO C 157 -2.64 6.80 21.83
CA PRO C 157 -3.34 7.50 20.79
C PRO C 157 -2.54 8.45 19.98
N VAL C 158 -2.94 8.53 18.73
CA VAL C 158 -2.33 9.41 17.82
C VAL C 158 -3.49 10.00 16.99
N MET C 159 -3.28 11.18 16.41
CA MET C 159 -4.27 11.80 15.55
C MET C 159 -3.87 11.49 14.11
N VAL C 160 -4.86 11.18 13.29
CA VAL C 160 -4.58 10.92 11.91
C VAL C 160 -5.48 11.78 11.03
N GLU C 161 -4.94 12.18 9.91
CA GLU C 161 -5.60 13.02 8.97
C GLU C 161 -6.92 12.47 8.48
N SER C 162 -6.92 11.15 8.24
CA SER C 162 -8.12 10.42 7.81
C SER C 162 -7.83 8.90 7.87
N LEU C 163 -8.81 8.08 7.50
CA LEU C 163 -8.61 6.65 7.44
C LEU C 163 -8.38 6.26 5.98
N LYS C 164 -8.24 7.26 5.08
CA LYS C 164 -8.11 7.00 3.65
C LYS C 164 -9.35 6.13 3.19
N ALA C 165 -10.52 6.38 3.77
CA ALA C 165 -11.73 5.66 3.45
C ALA C 165 -11.59 4.14 3.50
N GLN C 166 -11.06 3.67 4.61
CA GLN C 166 -10.87 2.25 4.76
C GLN C 166 -11.75 1.59 5.81
N ALA C 167 -12.55 2.36 6.52
CA ALA C 167 -13.39 1.68 7.54
C ALA C 167 -14.38 0.72 6.85
N HIS C 168 -14.64 -0.38 7.56
CA HIS C 168 -15.55 -1.40 7.09
C HIS C 168 -16.97 -1.16 7.65
N GLY C 169 -17.07 -0.42 8.75
CA GLY C 169 -18.39 -0.08 9.26
C GLY C 169 -18.24 1.07 10.22
N GLY C 170 -19.35 1.59 10.76
CA GLY C 170 -19.24 2.68 11.70
C GLY C 170 -20.56 3.24 12.17
N MET C 171 -20.49 4.20 13.07
CA MET C 171 -21.72 4.86 13.50
C MET C 171 -21.58 6.37 13.57
N ASP C 172 -22.69 7.03 13.27
CA ASP C 172 -22.82 8.52 13.29
C ASP C 172 -23.86 8.86 14.39
N ILE C 173 -23.43 9.51 15.44
CA ILE C 173 -24.34 9.85 16.51
C ILE C 173 -24.60 11.32 16.51
N GLY C 174 -25.70 11.70 15.87
CA GLY C 174 -26.07 13.11 15.88
C GLY C 174 -25.97 13.87 14.60
N GLY C 175 -25.96 13.17 13.48
CA GLY C 175 -25.86 13.87 12.23
C GLY C 175 -24.52 14.60 12.00
N VAL C 176 -23.41 14.05 12.45
CA VAL C 176 -22.18 14.71 12.17
C VAL C 176 -21.60 14.25 10.86
N LEU C 177 -22.10 13.15 10.29
CA LEU C 177 -21.55 12.59 9.04
C LEU C 177 -20.25 11.70 9.27
N ILE C 178 -20.21 10.53 8.66
CA ILE C 178 -19.02 9.66 8.77
C ILE C 178 -18.70 8.97 7.46
N GLY C 179 -19.50 9.25 6.45
CA GLY C 179 -19.35 8.53 5.22
C GLY C 179 -18.02 8.58 4.51
N MET C 180 -17.31 9.72 4.67
CA MET C 180 -16.07 9.95 4.01
C MET C 180 -15.06 8.89 4.43
N HIS C 181 -15.21 8.34 5.64
CA HIS C 181 -14.35 7.32 6.21
C HIS C 181 -14.65 5.85 5.81
N LEU C 182 -15.75 5.59 5.11
CA LEU C 182 -16.09 4.23 4.83
C LEU C 182 -15.72 3.81 3.45
N ARG C 183 -15.32 2.55 3.32
CA ARG C 183 -14.97 2.08 1.98
C ARG C 183 -16.28 1.71 1.24
N PRO C 184 -16.29 1.74 -0.13
CA PRO C 184 -17.48 1.38 -0.90
C PRO C 184 -17.74 -0.08 -0.53
N VAL C 185 -19.00 -0.46 -0.42
CA VAL C 185 -20.20 0.36 -0.57
C VAL C 185 -20.85 0.50 0.81
N ALA C 186 -21.17 1.72 1.25
CA ALA C 186 -21.72 1.81 2.58
C ALA C 186 -23.19 1.43 2.54
N VAL C 187 -23.64 0.70 3.56
CA VAL C 187 -25.01 0.23 3.59
C VAL C 187 -25.51 0.60 4.97
N PRO C 188 -26.50 1.50 5.03
CA PRO C 188 -27.06 1.91 6.31
C PRO C 188 -27.71 0.72 6.93
N LEU C 189 -27.63 0.63 8.24
CA LEU C 189 -28.21 -0.49 9.00
C LEU C 189 -29.28 -0.01 9.95
N ARG C 190 -30.49 -0.48 9.77
CA ARG C 190 -31.55 -0.06 10.67
C ARG C 190 -31.34 -0.91 11.91
N LEU C 191 -31.11 -0.29 13.02
CA LEU C 191 -30.96 -1.10 14.21
C LEU C 191 -32.21 -0.81 15.05
N SER C 192 -32.53 -1.68 16.00
CA SER C 192 -33.64 -1.42 16.92
C SER C 192 -33.38 -0.13 17.75
N VAL C 193 -32.13 0.05 18.26
CA VAL C 193 -31.68 1.24 19.01
C VAL C 193 -31.61 2.39 17.97
N ARG C 194 -32.50 3.35 18.11
CA ARG C 194 -32.60 4.42 17.16
C ARG C 194 -31.95 5.70 17.56
N LYS C 195 -31.58 5.77 18.82
CA LYS C 195 -30.94 6.94 19.40
C LYS C 195 -29.98 6.57 20.51
N ILE C 196 -29.03 7.47 20.77
CA ILE C 196 -28.06 7.33 21.87
C ILE C 196 -28.44 8.70 22.48
N GLY C 197 -29.02 8.67 23.69
CA GLY C 197 -29.52 9.88 24.34
C GLY C 197 -30.55 10.48 23.36
N GLU C 198 -30.50 11.79 23.14
CA GLU C 198 -31.41 12.42 22.22
C GLU C 198 -30.90 12.48 20.76
N ALA C 199 -29.68 11.99 20.53
CA ALA C 199 -29.05 12.00 19.18
C ALA C 199 -29.53 10.81 18.35
N VAL C 200 -29.89 11.07 17.08
CA VAL C 200 -30.32 10.04 16.15
C VAL C 200 -29.13 9.17 15.81
N LEU C 201 -29.30 7.85 15.86
CA LEU C 201 -28.16 6.97 15.60
C LEU C 201 -28.21 6.47 14.19
N LEU C 202 -27.13 6.67 13.44
CA LEU C 202 -27.05 6.10 12.08
C LEU C 202 -25.82 5.13 12.10
N ALA C 203 -26.06 3.86 11.80
CA ALA C 203 -25.03 2.84 11.74
C ALA C 203 -24.98 2.38 10.29
N ALA C 204 -23.74 2.08 9.81
CA ALA C 204 -23.62 1.58 8.42
C ALA C 204 -22.57 0.45 8.37
N LYS C 205 -22.77 -0.50 7.48
CA LYS C 205 -21.80 -1.55 7.32
C LYS C 205 -21.33 -1.23 5.89
N THR C 206 -20.46 -2.07 5.35
CA THR C 206 -20.02 -1.86 3.99
C THR C 206 -20.09 -3.22 3.39
N ARG C 207 -20.20 -3.26 2.08
CA ARG C 207 -20.24 -4.55 1.41
C ARG C 207 -19.66 -4.27 0.02
N PRO C 208 -19.18 -5.33 -0.63
CA PRO C 208 -18.62 -5.11 -1.97
C PRO C 208 -19.53 -4.60 -3.08
N LYS C 209 -18.96 -3.88 -4.02
CA LYS C 209 -19.77 -3.51 -5.13
C LYS C 209 -20.37 -4.72 -5.93
N LEU C 210 -21.64 -4.56 -6.32
CA LEU C 210 -22.36 -5.50 -7.16
C LEU C 210 -22.00 -5.19 -8.65
N VAL C 211 -21.40 -6.15 -9.37
CA VAL C 211 -20.98 -5.89 -10.77
C VAL C 211 -21.51 -6.93 -11.79
N GLY C 212 -21.34 -6.62 -13.09
CA GLY C 212 -21.75 -7.50 -14.17
C GLY C 212 -23.16 -7.11 -14.68
N GLY C 213 -23.37 -7.41 -15.97
CA GLY C 213 -24.60 -7.08 -16.67
C GLY C 213 -25.84 -7.95 -16.39
N ALA C 214 -26.79 -7.90 -17.35
CA ALA C 214 -28.08 -8.61 -17.25
C ALA C 214 -28.02 -10.11 -17.07
N ARG C 215 -26.96 -10.77 -17.52
CA ARG C 215 -26.89 -12.22 -17.37
C ARG C 215 -26.20 -12.71 -16.09
N ALA C 216 -25.64 -11.79 -15.30
CA ALA C 216 -24.90 -12.15 -14.11
C ALA C 216 -25.73 -12.59 -12.92
N VAL C 217 -25.16 -13.33 -11.96
CA VAL C 217 -25.93 -13.75 -10.81
C VAL C 217 -25.17 -13.44 -9.55
N TYR C 218 -25.85 -13.46 -8.42
CA TYR C 218 -25.24 -13.00 -7.20
C TYR C 218 -25.23 -13.88 -6.05
N THR C 219 -25.61 -15.14 -6.26
CA THR C 219 -25.53 -16.13 -5.15
C THR C 219 -24.95 -17.45 -5.64
N ARG C 220 -24.39 -18.25 -4.72
CA ARG C 220 -23.82 -19.53 -5.14
C ARG C 220 -24.87 -20.46 -5.67
N GLU C 221 -26.07 -20.37 -5.09
CA GLU C 221 -27.23 -21.15 -5.47
C GLU C 221 -27.58 -20.85 -6.92
N GLU C 222 -27.69 -19.57 -7.29
CA GLU C 222 -28.02 -19.20 -8.67
C GLU C 222 -26.93 -19.58 -9.66
N MET C 223 -25.68 -19.53 -9.18
CA MET C 223 -24.55 -19.94 -10.02
C MET C 223 -24.73 -21.44 -10.34
N LEU C 224 -25.00 -22.26 -9.33
CA LEU C 224 -25.20 -23.71 -9.56
C LEU C 224 -26.36 -24.02 -10.53
N LYS C 225 -27.48 -23.26 -10.47
CA LYS C 225 -28.61 -23.45 -11.40
C LYS C 225 -28.13 -23.13 -12.80
N LYS C 226 -27.37 -22.04 -13.01
CA LYS C 226 -26.89 -21.76 -14.36
C LYS C 226 -25.99 -22.88 -14.90
N LEU C 227 -25.29 -23.56 -13.98
CA LEU C 227 -24.42 -24.67 -14.35
C LEU C 227 -25.25 -25.92 -14.75
N GLU C 228 -26.32 -26.23 -14.00
CA GLU C 228 -27.20 -27.36 -14.35
C GLU C 228 -27.73 -27.07 -15.71
N GLU C 229 -28.25 -25.86 -15.88
CA GLU C 229 -28.79 -25.42 -17.19
C GLU C 229 -27.70 -25.55 -18.29
N PHE C 230 -26.44 -25.42 -17.88
CA PHE C 230 -25.35 -25.57 -18.83
C PHE C 230 -25.04 -27.07 -19.07
#